data_3UK2
#
_entry.id   3UK2
#
_cell.length_a   166.910
_cell.length_b   166.910
_cell.length_c   166.910
_cell.angle_alpha   90.000
_cell.angle_beta   90.000
_cell.angle_gamma   90.000
#
_symmetry.space_group_name_H-M   'I 2 3'
#
loop_
_entity.id
_entity.type
_entity.pdbx_description
1 polymer 'Pantothenate synthetase'
2 non-polymer 'ADENOSINE MONOPHOSPHATE'
3 non-polymer 'CHLORIDE ION'
4 non-polymer 1,2-ETHANEDIOL
5 non-polymer D-MALATE
6 water water
#
_entity_poly.entity_id   1
_entity_poly.type   'polypeptide(L)'
_entity_poly.pdbx_seq_one_letter_code
;GPGSMKVISSIQELRDQLRGQNRTAFVPTMGNLHEGHLSLMRLARQHGDPVVASIFVNRLQFGPNEDFDKYPRTLQEDIE
KLQKENVYVLFAPTERDMYPEPQEYRVQPPHDLGDILEGEFRPGFFTGVCTVVTKLMACVQPRVAVFGKKDYQQLMIVRR
MCQQLALPVEIVAAETVRDADGLALSSRNRYLSEAERAEAPELAKTLARVRDAVLDGERDLAAIERRAVAHLSARGWQPD
YVSIRRRENLVAPSAAQIEAGDPLVVLTAAKLGATRLIDNLEI
;
_entity_poly.pdbx_strand_id   A,B
#
loop_
_chem_comp.id
_chem_comp.type
_chem_comp.name
_chem_comp.formula
AMP non-polymer 'ADENOSINE MONOPHOSPHATE' 'C10 H14 N5 O7 P'
CL non-polymer 'CHLORIDE ION' 'Cl -1'
EDO non-polymer 1,2-ETHANEDIOL 'C2 H6 O2'
MLT non-polymer D-MALATE 'C4 H6 O5'
#
# COMPACT_ATOMS: atom_id res chain seq x y z
N SER A 4 28.19 -15.62 -3.97
CA SER A 4 28.81 -14.47 -4.69
C SER A 4 27.94 -14.08 -5.92
N MET A 5 27.55 -12.82 -6.02
CA MET A 5 26.66 -12.42 -7.13
C MET A 5 27.42 -12.36 -8.46
N LYS A 6 26.79 -12.86 -9.51
CA LYS A 6 27.39 -12.91 -10.82
C LYS A 6 26.89 -11.70 -11.62
N VAL A 7 27.80 -10.97 -12.23
CA VAL A 7 27.45 -9.88 -13.12
C VAL A 7 27.68 -10.36 -14.54
N ILE A 8 26.62 -10.39 -15.34
CA ILE A 8 26.64 -11.06 -16.65
C ILE A 8 26.17 -10.08 -17.71
N SER A 9 27.01 -9.82 -18.71
CA SER A 9 26.60 -8.99 -19.83
C SER A 9 26.16 -9.78 -21.08
N SER A 10 26.59 -11.02 -21.19
CA SER A 10 26.43 -11.82 -22.40
C SER A 10 25.14 -12.64 -22.32
N ILE A 11 24.31 -12.60 -23.35
CA ILE A 11 23.06 -13.41 -23.34
C ILE A 11 23.36 -14.92 -23.19
N GLN A 12 24.33 -15.43 -23.92
CA GLN A 12 24.65 -16.88 -23.89
C GLN A 12 25.10 -17.32 -22.50
N GLU A 13 26.03 -16.57 -21.92
CA GLU A 13 26.44 -16.79 -20.53
C GLU A 13 25.25 -16.72 -19.55
N LEU A 14 24.34 -15.79 -19.75
CA LEU A 14 23.17 -15.74 -18.87
C LEU A 14 22.38 -17.03 -19.00
N ARG A 15 22.13 -17.47 -20.24
CA ARG A 15 21.41 -18.74 -20.44
C ARG A 15 22.15 -19.93 -19.80
N ASP A 16 23.50 -19.95 -19.88
CA ASP A 16 24.25 -21.06 -19.25
C ASP A 16 24.13 -21.05 -17.74
N GLN A 17 24.16 -19.86 -17.13
CA GLN A 17 24.02 -19.75 -15.68
C GLN A 17 22.65 -20.13 -15.18
N LEU A 18 21.62 -19.87 -15.96
CA LEU A 18 20.26 -20.15 -15.55
C LEU A 18 19.71 -21.44 -16.12
N ARG A 19 20.56 -22.23 -16.76
CA ARG A 19 20.12 -23.49 -17.34
C ARG A 19 19.50 -24.37 -16.26
N GLY A 20 18.30 -24.89 -16.52
CA GLY A 20 17.64 -25.78 -15.57
C GLY A 20 16.89 -25.08 -14.45
N GLN A 21 16.95 -23.76 -14.37
CA GLN A 21 16.21 -23.06 -13.32
C GLN A 21 14.75 -22.87 -13.73
N ASN A 22 13.85 -23.46 -12.96
CA ASN A 22 12.40 -23.48 -13.27
C ASN A 22 11.54 -22.56 -12.38
N ARG A 23 12.15 -21.89 -11.39
CA ARG A 23 11.39 -21.04 -10.45
C ARG A 23 11.98 -19.64 -10.37
N THR A 24 12.66 -19.19 -11.41
CA THR A 24 13.32 -17.89 -11.39
C THR A 24 12.29 -16.75 -11.25
N ALA A 25 12.59 -15.81 -10.35
CA ALA A 25 11.85 -14.56 -10.20
C ALA A 25 12.74 -13.47 -10.77
N PHE A 26 12.18 -12.70 -11.70
CA PHE A 26 12.92 -11.72 -12.49
C PHE A 26 12.47 -10.30 -12.16
N VAL A 27 13.41 -9.39 -11.94
CA VAL A 27 13.08 -7.96 -11.76
C VAL A 27 13.83 -7.05 -12.75
N PRO A 28 13.20 -6.68 -13.88
CA PRO A 28 13.85 -5.74 -14.79
C PRO A 28 13.86 -4.28 -14.29
N THR A 29 15.02 -3.64 -14.45
CA THR A 29 15.21 -2.26 -14.05
C THR A 29 16.07 -1.54 -15.09
N MET A 30 16.07 -0.20 -15.00
CA MET A 30 16.98 0.63 -15.79
C MET A 30 18.15 1.16 -14.93
N GLY A 31 18.39 0.54 -13.78
CA GLY A 31 19.54 0.92 -12.95
C GLY A 31 19.39 2.18 -12.10
N ASN A 32 20.52 2.62 -11.55
CA ASN A 32 20.57 3.70 -10.56
C ASN A 32 19.62 3.40 -9.41
N LEU A 33 19.94 2.32 -8.70
CA LEU A 33 19.04 1.69 -7.78
C LEU A 33 18.79 2.49 -6.53
N HIS A 34 17.50 2.55 -6.16
CA HIS A 34 16.98 3.17 -4.94
C HIS A 34 16.10 2.20 -4.15
N GLU A 35 15.57 2.66 -3.02
CA GLU A 35 14.80 1.82 -2.14
C GLU A 35 13.55 1.20 -2.79
N GLY A 36 13.01 1.81 -3.84
CA GLY A 36 11.90 1.22 -4.57
C GLY A 36 12.31 -0.07 -5.26
N HIS A 37 13.43 -0.03 -5.98
CA HIS A 37 13.99 -1.25 -6.61
C HIS A 37 14.31 -2.32 -5.61
N LEU A 38 14.91 -1.92 -4.50
CA LEU A 38 15.34 -2.89 -3.50
C LEU A 38 14.13 -3.62 -2.88
N SER A 39 13.06 -2.88 -2.63
CA SER A 39 11.76 -3.44 -2.22
C SER A 39 11.26 -4.51 -3.23
N LEU A 40 11.42 -4.27 -4.52
CA LEU A 40 11.02 -5.27 -5.52
C LEU A 40 11.90 -6.52 -5.42
N MET A 41 13.20 -6.34 -5.19
CA MET A 41 14.13 -7.46 -5.06
C MET A 41 13.73 -8.35 -3.88
N ARG A 42 13.34 -7.74 -2.77
CA ARG A 42 12.88 -8.48 -1.62
C ARG A 42 11.59 -9.22 -1.89
N LEU A 43 10.64 -8.57 -2.57
CA LEU A 43 9.38 -9.21 -2.95
C LEU A 43 9.64 -10.40 -3.90
N ALA A 44 10.51 -10.23 -4.88
CA ALA A 44 10.84 -11.31 -5.83
C ALA A 44 11.26 -12.58 -5.10
N ARG A 45 12.07 -12.42 -4.05
CA ARG A 45 12.56 -13.57 -3.28
C ARG A 45 11.46 -14.38 -2.60
N GLN A 46 10.30 -13.78 -2.37
CA GLN A 46 9.14 -14.49 -1.80
C GLN A 46 8.33 -15.23 -2.86
N HIS A 47 8.67 -15.01 -4.13
CA HIS A 47 7.88 -15.55 -5.22
C HIS A 47 8.69 -16.46 -6.10
N GLY A 48 10.00 -16.56 -5.85
CA GLY A 48 10.83 -17.39 -6.71
C GLY A 48 12.24 -17.47 -6.23
N ASP A 49 13.04 -18.29 -6.93
CA ASP A 49 14.40 -18.59 -6.55
C ASP A 49 15.01 -19.25 -7.76
N PRO A 50 16.13 -18.71 -8.26
CA PRO A 50 16.86 -17.53 -7.81
C PRO A 50 16.21 -16.23 -8.25
N VAL A 51 16.57 -15.13 -7.60
CA VAL A 51 16.18 -13.82 -8.05
C VAL A 51 17.21 -13.29 -9.06
N VAL A 52 16.71 -12.88 -10.20
CA VAL A 52 17.54 -12.31 -11.22
C VAL A 52 17.13 -10.85 -11.45
N ALA A 53 18.10 -9.94 -11.32
CA ALA A 53 17.88 -8.53 -11.67
C ALA A 53 18.50 -8.23 -13.05
N SER A 54 17.88 -7.35 -13.81
CA SER A 54 18.51 -6.74 -14.97
C SER A 54 18.63 -5.24 -14.80
N ILE A 55 19.72 -4.70 -15.34
CA ILE A 55 19.95 -3.28 -15.42
C ILE A 55 20.28 -2.99 -16.89
N PHE A 56 19.41 -2.25 -17.54
CA PHE A 56 19.55 -1.90 -18.96
C PHE A 56 18.76 -0.63 -19.26
N VAL A 57 19.45 0.41 -19.72
CA VAL A 57 18.76 1.62 -20.14
C VAL A 57 18.40 1.43 -21.62
N ASN A 58 17.11 1.26 -21.88
CA ASN A 58 16.57 0.88 -23.18
C ASN A 58 16.29 2.06 -24.07
N ARG A 59 17.18 2.29 -25.00
CA ARG A 59 17.05 3.36 -25.95
C ARG A 59 15.68 3.37 -26.65
N LEU A 60 15.10 2.21 -26.92
CA LEU A 60 13.81 2.13 -27.64
C LEU A 60 12.63 2.81 -26.95
N GLN A 61 12.65 2.85 -25.61
CA GLN A 61 11.60 3.55 -24.88
C GLN A 61 11.92 5.02 -24.52
N PHE A 62 12.90 5.62 -25.19
CA PHE A 62 13.15 7.08 -25.07
C PHE A 62 12.92 7.72 -26.41
N GLY A 63 12.17 8.80 -26.40
CA GLY A 63 11.91 9.57 -27.61
C GLY A 63 13.06 10.50 -27.88
N PRO A 64 13.17 11.00 -29.12
CA PRO A 64 14.34 11.83 -29.43
C PRO A 64 14.50 13.09 -28.56
N ASN A 65 13.42 13.58 -27.96
CA ASN A 65 13.47 14.81 -27.15
C ASN A 65 13.48 14.52 -25.65
N GLU A 66 13.69 13.27 -25.28
CA GLU A 66 13.68 12.89 -23.87
C GLU A 66 15.11 12.82 -23.32
N ASP A 67 15.35 11.99 -22.32
CA ASP A 67 16.52 12.14 -21.46
C ASP A 67 17.47 10.92 -21.48
N PHE A 68 17.56 10.22 -22.60
CA PHE A 68 18.39 9.02 -22.67
C PHE A 68 19.84 9.30 -22.26
N ASP A 69 20.40 10.40 -22.75
CA ASP A 69 21.82 10.69 -22.56
C ASP A 69 22.18 11.08 -21.16
N LYS A 70 21.29 11.76 -20.42
CA LYS A 70 21.62 12.07 -19.04
C LYS A 70 21.05 11.07 -18.02
N TYR A 71 20.47 9.95 -18.46
CA TYR A 71 19.78 9.03 -17.53
C TYR A 71 20.81 8.53 -16.54
N PRO A 72 20.47 8.47 -15.25
CA PRO A 72 21.56 8.19 -14.31
C PRO A 72 22.11 6.79 -14.48
N ARG A 73 23.43 6.70 -14.41
CA ARG A 73 24.16 5.45 -14.58
C ARG A 73 25.19 5.30 -13.48
N THR A 74 24.95 4.34 -12.58
CA THR A 74 25.77 4.17 -11.39
C THR A 74 25.94 2.66 -11.12
N LEU A 75 26.52 1.95 -12.10
CA LEU A 75 26.51 0.49 -12.09
C LEU A 75 27.30 -0.12 -10.92
N GLN A 76 28.44 0.48 -10.58
CA GLN A 76 29.23 0.02 -9.43
C GLN A 76 28.41 0.05 -8.11
N GLU A 77 27.73 1.15 -7.85
CA GLU A 77 26.90 1.26 -6.65
C GLU A 77 25.69 0.31 -6.72
N ASP A 78 25.08 0.18 -7.90
CA ASP A 78 23.95 -0.72 -8.07
C ASP A 78 24.36 -2.12 -7.65
N ILE A 79 25.55 -2.51 -8.08
CA ILE A 79 26.11 -3.82 -7.77
C ILE A 79 26.25 -4.02 -6.26
N GLU A 80 26.87 -3.03 -5.58
CA GLU A 80 27.04 -3.05 -4.12
C GLU A 80 25.70 -3.21 -3.38
N LYS A 81 24.67 -2.54 -3.87
CA LYS A 81 23.35 -2.64 -3.24
C LYS A 81 22.71 -4.01 -3.48
N LEU A 82 22.87 -4.53 -4.69
CA LEU A 82 22.22 -5.82 -5.03
C LEU A 82 22.87 -6.94 -4.20
N GLN A 83 24.19 -6.85 -4.02
CA GLN A 83 24.97 -7.77 -3.19
C GLN A 83 24.43 -7.92 -1.77
N LYS A 84 23.99 -6.82 -1.18
CA LYS A 84 23.45 -6.82 0.18
C LYS A 84 22.04 -7.40 0.29
N GLU A 85 21.36 -7.64 -0.83
CA GLU A 85 19.96 -8.06 -0.82
C GLU A 85 19.80 -9.48 -1.36
N ASN A 86 20.84 -10.30 -1.31
CA ASN A 86 20.68 -11.73 -1.66
C ASN A 86 20.08 -11.92 -3.09
N VAL A 87 20.72 -11.29 -4.08
CA VAL A 87 20.36 -11.47 -5.50
C VAL A 87 21.41 -12.36 -6.21
N TYR A 88 20.95 -13.43 -6.88
CA TYR A 88 21.87 -14.44 -7.51
C TYR A 88 22.61 -13.88 -8.74
N VAL A 89 21.89 -13.27 -9.67
CA VAL A 89 22.48 -12.80 -10.91
C VAL A 89 22.04 -11.39 -11.23
N LEU A 90 23.00 -10.58 -11.66
CA LEU A 90 22.69 -9.34 -12.30
C LEU A 90 22.99 -9.44 -13.78
N PHE A 91 21.94 -9.27 -14.58
CA PHE A 91 22.08 -9.22 -16.04
C PHE A 91 22.21 -7.74 -16.46
N ALA A 92 23.41 -7.35 -16.87
CA ALA A 92 23.73 -5.93 -17.19
C ALA A 92 24.33 -5.91 -18.58
N PRO A 93 23.48 -6.15 -19.58
CA PRO A 93 24.02 -6.19 -20.94
C PRO A 93 24.42 -4.82 -21.42
N THR A 94 25.40 -4.78 -22.30
CA THR A 94 25.68 -3.57 -23.02
C THR A 94 24.69 -3.45 -24.13
N GLU A 95 24.63 -2.29 -24.72
CA GLU A 95 23.73 -2.09 -25.85
C GLU A 95 24.04 -3.02 -27.04
N ARG A 96 25.31 -3.31 -27.25
CA ARG A 96 25.74 -4.29 -28.27
C ARG A 96 25.24 -5.72 -28.01
N ASP A 97 25.14 -6.12 -26.72
CA ASP A 97 24.55 -7.40 -26.34
C ASP A 97 23.04 -7.51 -26.59
N MET A 98 22.28 -6.48 -26.22
CA MET A 98 20.83 -6.46 -26.42
C MET A 98 20.42 -6.15 -27.86
N TYR A 99 21.15 -5.24 -28.50
CA TYR A 99 20.84 -4.75 -29.85
C TYR A 99 22.09 -4.78 -30.74
N PRO A 100 22.55 -5.98 -31.11
CA PRO A 100 23.78 -6.05 -31.92
C PRO A 100 23.58 -5.45 -33.32
N GLU A 101 22.36 -5.50 -33.83
CA GLU A 101 21.96 -4.73 -34.99
C GLU A 101 20.67 -3.98 -34.60
N PRO A 102 20.29 -2.95 -35.37
CA PRO A 102 19.13 -2.18 -35.01
C PRO A 102 17.88 -3.06 -34.84
N GLN A 103 17.08 -2.76 -33.85
CA GLN A 103 15.88 -3.53 -33.56
C GLN A 103 14.74 -3.14 -34.51
N GLU A 104 14.36 -4.08 -35.35
CA GLU A 104 13.28 -3.84 -36.33
C GLU A 104 12.09 -4.79 -36.17
N TYR A 105 12.18 -5.71 -35.22
CA TYR A 105 10.99 -6.45 -34.80
C TYR A 105 10.51 -5.83 -33.50
N ARG A 106 9.23 -5.49 -33.48
CA ARG A 106 8.61 -4.78 -32.35
C ARG A 106 7.36 -5.44 -31.85
N VAL A 107 7.18 -5.42 -30.54
CA VAL A 107 5.93 -5.85 -29.95
C VAL A 107 5.04 -4.60 -29.76
N GLN A 108 3.88 -4.60 -30.38
CA GLN A 108 2.97 -3.45 -30.38
C GLN A 108 1.81 -3.78 -29.45
N PRO A 109 1.52 -2.91 -28.47
CA PRO A 109 0.39 -3.11 -27.58
C PRO A 109 -0.91 -2.57 -28.22
N PRO A 110 -2.08 -2.87 -27.60
CA PRO A 110 -3.37 -2.44 -28.13
C PRO A 110 -3.43 -0.94 -28.19
N HIS A 111 -4.15 -0.42 -29.16
CA HIS A 111 -4.31 1.02 -29.30
C HIS A 111 -5.06 1.63 -28.12
N ASP A 112 -6.13 0.98 -27.67
CA ASP A 112 -6.96 1.52 -26.60
C ASP A 112 -6.27 1.55 -25.20
N LEU A 113 -5.15 0.85 -25.08
CA LEU A 113 -4.40 0.82 -23.83
C LEU A 113 -2.99 1.44 -23.96
N GLY A 114 -2.35 1.24 -25.11
CA GLY A 114 -1.00 1.77 -25.32
C GLY A 114 -0.95 3.21 -25.78
N ASP A 115 -2.02 3.71 -26.39
CA ASP A 115 -2.03 5.10 -26.89
C ASP A 115 -2.73 6.16 -26.03
N ILE A 116 -3.18 5.75 -24.86
CA ILE A 116 -3.74 6.68 -23.87
C ILE A 116 -2.74 6.95 -22.76
N LEU A 117 -3.03 8.01 -22.00
CA LEU A 117 -2.31 8.40 -20.84
C LEU A 117 -0.83 8.58 -21.20
N GLU A 118 0.02 7.75 -20.64
CA GLU A 118 1.45 7.83 -20.93
C GLU A 118 1.76 7.68 -22.45
N GLY A 119 0.95 6.86 -23.11
CA GLY A 119 1.04 6.68 -24.55
C GLY A 119 0.63 7.86 -25.43
N GLU A 120 -0.24 8.76 -24.96
CA GLU A 120 -0.55 9.95 -25.77
C GLU A 120 0.57 10.94 -25.62
N PHE A 121 1.16 11.07 -24.43
CA PHE A 121 2.18 12.09 -24.19
C PHE A 121 3.60 11.62 -24.52
N ARG A 122 3.77 10.33 -24.71
CA ARG A 122 5.06 9.77 -25.07
C ARG A 122 4.81 8.77 -26.20
N PRO A 123 4.57 9.27 -27.43
CA PRO A 123 4.19 8.38 -28.53
C PRO A 123 5.22 7.26 -28.72
N GLY A 124 4.73 6.05 -28.88
CA GLY A 124 5.62 4.90 -29.14
C GLY A 124 6.20 4.30 -27.88
N PHE A 125 6.05 4.99 -26.75
CA PHE A 125 6.66 4.50 -25.50
C PHE A 125 6.43 3.01 -25.26
N PHE A 126 5.18 2.55 -25.26
CA PHE A 126 4.93 1.17 -24.84
C PHE A 126 5.29 0.11 -25.87
N THR A 127 5.47 0.51 -27.13
CA THR A 127 6.10 -0.35 -28.09
C THR A 127 7.56 -0.57 -27.66
N GLY A 128 8.24 0.49 -27.23
CA GLY A 128 9.61 0.35 -26.73
C GLY A 128 9.73 -0.53 -25.51
N VAL A 129 8.82 -0.35 -24.57
CA VAL A 129 8.77 -1.17 -23.35
C VAL A 129 8.40 -2.64 -23.69
N CYS A 130 7.31 -2.86 -24.43
CA CYS A 130 6.89 -4.24 -24.68
C CYS A 130 7.98 -5.04 -25.43
N THR A 131 8.61 -4.40 -26.41
CA THR A 131 9.69 -5.00 -27.15
C THR A 131 10.87 -5.42 -26.24
N VAL A 132 11.39 -4.50 -25.40
CA VAL A 132 12.54 -4.86 -24.54
C VAL A 132 12.15 -5.91 -23.46
N VAL A 133 10.93 -5.83 -22.92
CA VAL A 133 10.50 -6.75 -21.87
C VAL A 133 10.31 -8.16 -22.45
N THR A 134 9.75 -8.26 -23.65
CA THR A 134 9.63 -9.55 -24.32
C THR A 134 11.05 -10.16 -24.48
N LYS A 135 11.98 -9.34 -24.95
CA LYS A 135 13.33 -9.76 -25.18
C LYS A 135 14.03 -10.20 -23.90
N LEU A 136 13.93 -9.38 -22.87
CA LEU A 136 14.51 -9.73 -21.57
C LEU A 136 13.90 -11.00 -20.97
N MET A 137 12.58 -11.21 -21.13
CA MET A 137 11.95 -12.47 -20.70
C MET A 137 12.42 -13.69 -21.52
N ALA A 138 12.65 -13.49 -22.83
CA ALA A 138 13.16 -14.58 -23.68
C ALA A 138 14.60 -14.92 -23.32
N CYS A 139 15.39 -13.94 -22.84
CA CYS A 139 16.72 -14.18 -22.33
C CYS A 139 16.71 -14.91 -20.98
N VAL A 140 15.92 -14.40 -20.04
CA VAL A 140 15.91 -14.93 -18.65
C VAL A 140 15.06 -16.19 -18.47
N GLN A 141 13.99 -16.28 -19.24
CA GLN A 141 12.98 -17.34 -19.08
C GLN A 141 12.55 -17.63 -17.64
N PRO A 142 12.05 -16.59 -16.95
CA PRO A 142 11.60 -16.74 -15.58
C PRO A 142 10.22 -17.37 -15.46
N ARG A 143 9.91 -17.81 -14.25
CA ARG A 143 8.57 -18.24 -13.89
C ARG A 143 7.77 -17.03 -13.43
N VAL A 144 8.41 -16.10 -12.74
CA VAL A 144 7.75 -14.90 -12.25
C VAL A 144 8.58 -13.64 -12.61
N ALA A 145 7.91 -12.50 -12.76
CA ALA A 145 8.55 -11.19 -12.91
C ALA A 145 7.79 -10.18 -12.05
N VAL A 146 8.54 -9.33 -11.35
CA VAL A 146 7.97 -8.30 -10.48
C VAL A 146 8.04 -6.91 -11.18
N PHE A 147 6.88 -6.26 -11.28
CA PHE A 147 6.76 -4.88 -11.79
C PHE A 147 6.08 -3.98 -10.74
N GLY A 148 6.45 -2.71 -10.73
CA GLY A 148 5.97 -1.76 -9.70
C GLY A 148 4.67 -1.10 -10.08
N LYS A 149 3.78 -0.89 -9.11
CA LYS A 149 2.55 -0.11 -9.37
C LYS A 149 2.84 1.35 -9.68
N LYS A 150 4.04 1.83 -9.34
CA LYS A 150 4.48 3.19 -9.66
C LYS A 150 4.31 3.49 -11.17
N ASP A 151 4.67 2.54 -12.01
CA ASP A 151 4.35 2.58 -13.42
C ASP A 151 3.13 1.72 -13.65
N TYR A 152 1.98 2.26 -13.26
CA TYR A 152 0.74 1.49 -13.21
C TYR A 152 0.29 0.99 -14.57
N GLN A 153 0.26 1.90 -15.55
CA GLN A 153 -0.08 1.55 -16.92
C GLN A 153 0.89 0.50 -17.46
N GLN A 154 2.19 0.74 -17.31
CA GLN A 154 3.20 -0.26 -17.65
C GLN A 154 2.89 -1.64 -17.08
N LEU A 155 2.58 -1.68 -15.79
CA LEU A 155 2.31 -2.95 -15.12
C LEU A 155 1.16 -3.69 -15.81
N MET A 156 0.07 -2.96 -16.04
CA MET A 156 -1.08 -3.56 -16.73
CA MET A 156 -1.11 -3.49 -16.73
C MET A 156 -0.75 -3.97 -18.16
N ILE A 157 0.04 -3.16 -18.87
CA ILE A 157 0.41 -3.48 -20.24
C ILE A 157 1.24 -4.77 -20.32
N VAL A 158 2.17 -4.92 -19.39
CA VAL A 158 3.05 -6.08 -19.38
C VAL A 158 2.28 -7.33 -18.96
N ARG A 159 1.43 -7.19 -17.96
CA ARG A 159 0.53 -8.29 -17.57
C ARG A 159 -0.26 -8.85 -18.77
N ARG A 160 -0.90 -7.96 -19.53
CA ARG A 160 -1.74 -8.40 -20.63
C ARG A 160 -0.93 -8.86 -21.83
N MET A 161 0.30 -8.35 -21.95
CA MET A 161 1.22 -8.77 -23.01
C MET A 161 1.57 -10.23 -22.83
N CYS A 162 1.96 -10.57 -21.62
CA CYS A 162 2.34 -11.93 -21.27
C CYS A 162 1.16 -12.85 -21.55
N GLN A 163 -0.04 -12.44 -21.14
CA GLN A 163 -1.22 -13.26 -21.41
C GLN A 163 -1.48 -13.45 -22.94
N GLN A 164 -1.48 -12.35 -23.69
CA GLN A 164 -1.82 -12.38 -25.12
C GLN A 164 -0.74 -12.99 -26.04
N LEU A 165 0.52 -12.94 -25.61
CA LEU A 165 1.58 -13.61 -26.33
C LEU A 165 1.88 -14.99 -25.76
N ALA A 166 1.10 -15.46 -24.80
CA ALA A 166 1.27 -16.76 -24.16
C ALA A 166 2.65 -16.96 -23.52
N LEU A 167 3.25 -15.91 -22.99
CA LEU A 167 4.56 -16.07 -22.36
C LEU A 167 4.30 -16.69 -20.99
N PRO A 168 4.99 -17.79 -20.66
CA PRO A 168 4.71 -18.46 -19.38
C PRO A 168 5.38 -17.75 -18.18
N VAL A 169 5.00 -16.51 -17.96
CA VAL A 169 5.53 -15.69 -16.87
C VAL A 169 4.37 -15.09 -16.09
N GLU A 170 4.33 -15.32 -14.77
CA GLU A 170 3.36 -14.71 -13.87
C GLU A 170 3.91 -13.35 -13.43
N ILE A 171 3.06 -12.33 -13.55
CA ILE A 171 3.43 -10.97 -13.17
C ILE A 171 2.97 -10.70 -11.74
N VAL A 172 3.91 -10.24 -10.90
CA VAL A 172 3.63 -9.88 -9.55
C VAL A 172 3.81 -8.39 -9.37
N ALA A 173 2.78 -7.76 -8.81
CA ALA A 173 2.71 -6.32 -8.63
C ALA A 173 3.31 -5.89 -7.28
N ALA A 174 4.15 -4.87 -7.29
CA ALA A 174 4.75 -4.33 -6.06
C ALA A 174 4.19 -2.93 -5.77
N GLU A 175 3.92 -2.66 -4.49
CA GLU A 175 3.51 -1.30 -4.08
C GLU A 175 4.62 -0.26 -4.31
N THR A 176 4.18 0.95 -4.61
CA THR A 176 5.04 2.08 -4.81
C THR A 176 5.70 2.44 -3.50
N VAL A 177 7.03 2.59 -3.56
CA VAL A 177 7.81 3.11 -2.44
C VAL A 177 8.06 4.63 -2.56
N ARG A 178 7.76 5.35 -1.47
CA ARG A 178 7.88 6.80 -1.39
C ARG A 178 8.91 7.23 -0.38
N ASP A 179 9.47 8.40 -0.62
CA ASP A 179 10.30 9.09 0.33
C ASP A 179 9.46 9.48 1.55
N ALA A 180 10.13 9.78 2.66
CA ALA A 180 9.45 10.28 3.86
C ALA A 180 8.46 11.40 3.57
N ASP A 181 8.76 12.28 2.60
CA ASP A 181 7.84 13.38 2.27
C ASP A 181 6.68 13.04 1.30
N GLY A 182 6.59 11.79 0.86
CA GLY A 182 5.49 11.34 -0.01
C GLY A 182 5.88 11.25 -1.48
N LEU A 183 7.02 11.82 -1.87
CA LEU A 183 7.44 11.77 -3.28
C LEU A 183 7.79 10.35 -3.67
N ALA A 184 7.19 9.83 -4.75
CA ALA A 184 7.50 8.49 -5.24
C ALA A 184 8.94 8.44 -5.72
N LEU A 185 9.69 7.45 -5.25
CA LEU A 185 11.13 7.34 -5.56
C LEU A 185 11.34 7.06 -7.05
N SER A 186 12.33 7.75 -7.62
CA SER A 186 12.66 7.62 -9.02
C SER A 186 14.05 8.18 -9.20
N SER A 187 14.83 7.48 -10.01
CA SER A 187 16.15 7.93 -10.39
C SER A 187 16.13 9.33 -10.99
N ARG A 188 15.05 9.66 -11.71
CA ARG A 188 14.89 11.01 -12.27
C ARG A 188 14.71 12.09 -11.21
N ASN A 189 14.35 11.74 -9.97
CA ASN A 189 14.29 12.76 -8.91
C ASN A 189 15.64 13.51 -8.79
N ARG A 190 16.73 12.89 -9.24
CA ARG A 190 18.08 13.50 -9.23
C ARG A 190 18.19 14.74 -10.11
N TYR A 191 17.37 14.82 -11.15
CA TYR A 191 17.37 15.96 -12.05
C TYR A 191 16.86 17.26 -11.36
N LEU A 192 16.07 17.12 -10.30
CA LEU A 192 15.40 18.28 -9.68
C LEU A 192 16.41 19.17 -8.96
N SER A 193 16.30 20.48 -9.18
CA SER A 193 16.94 21.45 -8.32
C SER A 193 16.40 21.34 -6.87
N GLU A 194 17.06 22.05 -5.96
CA GLU A 194 16.63 22.18 -4.58
C GLU A 194 15.17 22.72 -4.48
N ALA A 195 14.87 23.76 -5.25
CA ALA A 195 13.52 24.37 -5.19
C ALA A 195 12.46 23.43 -5.78
N GLU A 196 12.84 22.72 -6.84
CA GLU A 196 11.99 21.71 -7.45
C GLU A 196 11.76 20.52 -6.51
N ARG A 197 12.82 20.11 -5.81
CA ARG A 197 12.71 19.00 -4.89
C ARG A 197 11.75 19.33 -3.76
N ALA A 198 11.71 20.59 -3.33
CA ALA A 198 10.88 21.02 -2.22
C ALA A 198 9.42 21.06 -2.68
N GLU A 199 9.17 21.35 -3.96
CA GLU A 199 7.82 21.40 -4.53
C GLU A 199 7.31 20.01 -4.94
N ALA A 200 8.23 19.13 -5.33
CA ALA A 200 7.87 17.83 -5.89
C ALA A 200 6.81 17.01 -5.08
N PRO A 201 6.89 16.99 -3.75
CA PRO A 201 5.86 16.28 -2.95
C PRO A 201 4.40 16.71 -3.15
N GLU A 202 4.18 17.88 -3.74
CA GLU A 202 2.84 18.37 -4.00
C GLU A 202 2.08 17.45 -4.97
N LEU A 203 2.79 16.70 -5.81
CA LEU A 203 2.10 15.82 -6.74
C LEU A 203 1.35 14.72 -5.95
N ALA A 204 2.05 14.04 -5.04
CA ALA A 204 1.36 13.00 -4.24
C ALA A 204 0.24 13.61 -3.37
N LYS A 205 0.48 14.81 -2.83
CA LYS A 205 -0.54 15.46 -1.99
C LYS A 205 -1.80 15.70 -2.79
N THR A 206 -1.63 16.11 -4.03
CA THR A 206 -2.75 16.36 -4.92
C THR A 206 -3.51 15.05 -5.17
N LEU A 207 -2.79 13.97 -5.42
CA LEU A 207 -3.43 12.68 -5.58
C LEU A 207 -4.23 12.30 -4.30
N ALA A 208 -3.67 12.57 -3.12
CA ALA A 208 -4.37 12.20 -1.87
C ALA A 208 -5.69 12.98 -1.75
N ARG A 209 -5.65 14.26 -2.17
CA ARG A 209 -6.84 15.09 -2.15
C ARG A 209 -7.87 14.63 -3.19
N VAL A 210 -7.44 14.18 -4.37
CA VAL A 210 -8.46 13.66 -5.30
C VAL A 210 -9.05 12.35 -4.75
N ARG A 211 -8.22 11.51 -4.14
CA ARG A 211 -8.71 10.27 -3.50
C ARG A 211 -9.85 10.58 -2.52
N ASP A 212 -9.61 11.50 -1.61
CA ASP A 212 -10.56 11.87 -0.58
C ASP A 212 -11.88 12.37 -1.19
N ALA A 213 -11.80 13.23 -2.19
CA ALA A 213 -13.00 13.72 -2.84
C ALA A 213 -13.85 12.59 -3.44
N VAL A 214 -13.24 11.59 -4.04
CA VAL A 214 -14.00 10.46 -4.58
C VAL A 214 -14.63 9.65 -3.43
N LEU A 215 -13.84 9.36 -2.40
CA LEU A 215 -14.33 8.61 -1.26
C LEU A 215 -15.43 9.37 -0.54
N ASP A 216 -15.32 10.70 -0.48
CA ASP A 216 -16.30 11.53 0.20
C ASP A 216 -17.56 11.79 -0.67
N GLY A 217 -17.65 11.12 -1.80
CA GLY A 217 -18.91 11.10 -2.57
C GLY A 217 -19.01 11.96 -3.82
N GLU A 218 -17.97 12.68 -4.20
CA GLU A 218 -18.09 13.58 -5.36
C GLU A 218 -18.21 12.75 -6.62
N ARG A 219 -19.29 12.95 -7.38
CA ARG A 219 -19.58 12.12 -8.55
C ARG A 219 -19.05 12.69 -9.87
N ASP A 220 -18.78 13.99 -9.93
CA ASP A 220 -18.30 14.61 -11.15
C ASP A 220 -16.76 14.52 -11.23
N LEU A 221 -16.30 13.34 -11.68
CA LEU A 221 -14.87 13.01 -11.71
C LEU A 221 -14.08 14.00 -12.56
N ALA A 222 -14.64 14.40 -13.70
CA ALA A 222 -13.93 15.30 -14.57
C ALA A 222 -13.68 16.66 -13.92
N ALA A 223 -14.63 17.11 -13.08
CA ALA A 223 -14.45 18.37 -12.35
C ALA A 223 -13.32 18.20 -11.33
N ILE A 224 -13.21 17.02 -10.74
CA ILE A 224 -12.15 16.79 -9.76
C ILE A 224 -10.80 16.85 -10.48
N GLU A 225 -10.72 16.18 -11.65
CA GLU A 225 -9.52 16.17 -12.48
C GLU A 225 -9.11 17.60 -12.88
N ARG A 226 -10.10 18.37 -13.34
CA ARG A 226 -9.82 19.76 -13.76
C ARG A 226 -9.28 20.60 -12.61
N ARG A 227 -9.85 20.48 -11.39
CA ARG A 227 -9.37 21.29 -10.25
C ARG A 227 -7.93 20.92 -9.89
N ALA A 228 -7.62 19.63 -10.02
CA ALA A 228 -6.31 19.12 -9.65
C ALA A 228 -5.27 19.68 -10.62
N VAL A 229 -5.60 19.65 -11.90
CA VAL A 229 -4.70 20.15 -12.95
C VAL A 229 -4.45 21.66 -12.74
N ALA A 230 -5.51 22.42 -12.48
CA ALA A 230 -5.41 23.86 -12.23
C ALA A 230 -4.58 24.20 -10.97
N HIS A 231 -4.75 23.39 -9.93
CA HIS A 231 -3.96 23.55 -8.70
C HIS A 231 -2.46 23.38 -8.95
N LEU A 232 -2.11 22.39 -9.73
CA LEU A 232 -0.71 22.16 -10.06
C LEU A 232 -0.16 23.27 -10.96
N SER A 233 -0.93 23.65 -11.97
CA SER A 233 -0.53 24.72 -12.88
C SER A 233 -0.28 26.06 -12.16
N ALA A 234 -1.14 26.42 -11.22
CA ALA A 234 -0.99 27.69 -10.49
C ALA A 234 0.34 27.74 -9.72
N ARG A 235 0.90 26.57 -9.35
CA ARG A 235 2.14 26.52 -8.58
C ARG A 235 3.40 26.27 -9.44
N GLY A 236 3.25 26.33 -10.76
CA GLY A 236 4.40 26.24 -11.67
C GLY A 236 4.71 24.86 -12.24
N TRP A 237 3.82 23.90 -12.05
CA TRP A 237 3.88 22.63 -12.74
C TRP A 237 3.30 22.76 -14.13
N GLN A 238 3.63 21.85 -15.02
CA GLN A 238 2.92 21.69 -16.28
C GLN A 238 2.38 20.25 -16.38
N PRO A 239 1.13 20.05 -15.92
CA PRO A 239 0.61 18.69 -15.93
C PRO A 239 0.28 18.24 -17.31
N ASP A 240 0.51 16.96 -17.61
CA ASP A 240 -0.06 16.36 -18.81
C ASP A 240 -1.49 15.91 -18.50
N TYR A 241 -1.71 15.27 -17.34
CA TYR A 241 -3.01 14.79 -16.98
C TYR A 241 -3.11 14.44 -15.50
N VAL A 242 -4.34 14.54 -15.00
CA VAL A 242 -4.79 13.89 -13.81
C VAL A 242 -6.07 13.15 -14.26
N SER A 243 -6.08 11.82 -14.11
CA SER A 243 -7.16 11.01 -14.64
C SER A 243 -7.54 9.89 -13.70
N ILE A 244 -8.83 9.87 -13.37
CA ILE A 244 -9.45 8.88 -12.51
C ILE A 244 -10.04 7.79 -13.42
N ARG A 245 -9.45 6.59 -13.36
CA ARG A 245 -9.84 5.47 -14.21
C ARG A 245 -10.17 4.17 -13.43
N ARG A 246 -10.85 3.22 -14.08
CA ARG A 246 -11.03 1.87 -13.55
C ARG A 246 -9.66 1.17 -13.51
N ARG A 247 -9.39 0.45 -12.44
CA ARG A 247 -8.16 -0.35 -12.36
C ARG A 247 -8.10 -1.48 -13.39
N GLU A 248 -9.26 -2.05 -13.72
CA GLU A 248 -9.30 -3.26 -14.57
C GLU A 248 -8.84 -2.98 -16.02
N ASN A 249 -9.18 -1.82 -16.58
CA ASN A 249 -8.84 -1.53 -17.98
C ASN A 249 -8.38 -0.10 -18.25
N LEU A 250 -8.13 0.65 -17.18
CA LEU A 250 -7.76 2.06 -17.28
C LEU A 250 -8.69 2.92 -18.11
N VAL A 251 -9.98 2.51 -18.21
CA VAL A 251 -11.01 3.36 -18.82
C VAL A 251 -11.76 4.19 -17.74
N ALA A 252 -12.22 5.38 -18.11
CA ALA A 252 -13.01 6.21 -17.20
C ALA A 252 -14.30 5.45 -16.86
N PRO A 253 -14.68 5.39 -15.58
CA PRO A 253 -15.92 4.69 -15.28
C PRO A 253 -17.12 5.47 -15.77
N SER A 254 -18.16 4.75 -16.20
CA SER A 254 -19.48 5.35 -16.41
C SER A 254 -20.14 5.71 -15.06
N ALA A 255 -21.23 6.47 -15.13
CA ALA A 255 -22.00 6.85 -13.94
C ALA A 255 -22.42 5.61 -13.15
N ALA A 256 -22.87 4.58 -13.85
CA ALA A 256 -23.30 3.34 -13.21
C ALA A 256 -22.13 2.63 -12.51
N GLN A 257 -20.96 2.60 -13.15
CA GLN A 257 -19.78 1.97 -12.53
C GLN A 257 -19.25 2.72 -11.32
N ILE A 258 -19.42 4.04 -11.33
CA ILE A 258 -19.10 4.86 -10.15
C ILE A 258 -20.01 4.47 -8.98
N GLU A 259 -21.33 4.36 -9.23
CA GLU A 259 -22.30 3.94 -8.20
C GLU A 259 -22.06 2.54 -7.66
N ALA A 260 -21.68 1.60 -8.55
CA ALA A 260 -21.40 0.21 -8.13
C ALA A 260 -20.01 0.04 -7.46
N GLY A 261 -19.23 1.12 -7.39
CA GLY A 261 -17.91 1.10 -6.72
C GLY A 261 -16.85 0.23 -7.38
N ASP A 262 -16.85 0.14 -8.71
CA ASP A 262 -15.70 -0.47 -9.41
C ASP A 262 -14.42 0.16 -8.88
N PRO A 263 -13.40 -0.66 -8.54
CA PRO A 263 -12.10 -0.15 -8.06
C PRO A 263 -11.49 0.86 -9.02
N LEU A 264 -11.04 1.97 -8.49
CA LEU A 264 -10.53 3.10 -9.28
C LEU A 264 -9.09 3.39 -8.90
N VAL A 265 -8.41 4.12 -9.78
CA VAL A 265 -7.05 4.59 -9.59
C VAL A 265 -6.97 5.98 -10.19
N VAL A 266 -6.27 6.91 -9.53
CA VAL A 266 -6.02 8.25 -10.11
C VAL A 266 -4.55 8.28 -10.49
N LEU A 267 -4.31 8.63 -11.74
CA LEU A 267 -2.98 8.57 -12.33
C LEU A 267 -2.63 10.00 -12.74
N THR A 268 -1.36 10.37 -12.65
CA THR A 268 -0.95 11.70 -13.07
C THR A 268 0.44 11.72 -13.64
N ALA A 269 0.69 12.69 -14.52
CA ALA A 269 2.03 12.97 -15.02
C ALA A 269 2.11 14.46 -15.17
N ALA A 270 3.23 15.02 -14.75
CA ALA A 270 3.36 16.46 -14.65
C ALA A 270 4.83 16.84 -14.60
N LYS A 271 5.16 17.93 -15.29
CA LYS A 271 6.53 18.34 -15.35
C LYS A 271 6.82 19.43 -14.32
N LEU A 272 8.04 19.37 -13.80
CA LEU A 272 8.63 20.41 -13.01
C LEU A 272 9.90 20.76 -13.82
N GLY A 273 9.91 21.90 -14.49
CA GLY A 273 10.99 22.23 -15.44
C GLY A 273 10.96 21.26 -16.60
N ALA A 274 12.13 20.64 -16.88
CA ALA A 274 12.21 19.56 -17.90
C ALA A 274 11.94 18.17 -17.33
N THR A 275 11.93 18.02 -16.01
CA THR A 275 11.76 16.70 -15.39
C THR A 275 10.29 16.27 -15.34
N ARG A 276 9.97 15.13 -15.93
CA ARG A 276 8.59 14.65 -15.99
C ARG A 276 8.35 13.56 -14.93
N LEU A 277 7.52 13.89 -13.96
CA LEU A 277 7.24 13.03 -12.84
C LEU A 277 5.88 12.36 -13.08
N ILE A 278 5.74 11.14 -12.57
CA ILE A 278 4.48 10.42 -12.64
C ILE A 278 4.25 9.78 -11.30
N ASP A 279 2.98 9.55 -10.99
CA ASP A 279 2.55 8.93 -9.77
C ASP A 279 1.10 8.53 -9.91
N ASN A 280 0.60 7.79 -8.92
CA ASN A 280 -0.77 7.33 -8.91
C ASN A 280 -1.19 6.87 -7.51
N LEU A 281 -2.49 6.70 -7.32
CA LEU A 281 -3.03 6.32 -6.04
C LEU A 281 -4.28 5.49 -6.29
N GLU A 282 -4.27 4.25 -5.77
CA GLU A 282 -5.44 3.44 -5.86
C GLU A 282 -6.46 3.99 -4.88
N ILE A 283 -7.73 3.94 -5.29
CA ILE A 283 -8.83 4.54 -4.55
C ILE A 283 -9.79 3.45 -4.10
N SER B 4 -32.65 2.44 0.18
CA SER B 4 -32.03 3.27 1.26
C SER B 4 -31.34 2.41 2.33
N MET B 5 -30.29 2.94 2.95
CA MET B 5 -29.55 2.23 3.99
C MET B 5 -30.44 2.05 5.24
N LYS B 6 -30.54 0.83 5.72
CA LYS B 6 -31.21 0.51 6.97
C LYS B 6 -30.24 0.75 8.13
N VAL B 7 -30.64 1.54 9.13
CA VAL B 7 -29.85 1.64 10.38
C VAL B 7 -30.58 0.91 11.52
N ILE B 8 -29.87 -0.06 12.09
CA ILE B 8 -30.44 -1.03 13.00
C ILE B 8 -29.62 -1.08 14.29
N SER B 9 -30.37 -1.15 15.38
CA SER B 9 -29.85 -1.07 16.74
C SER B 9 -30.06 -2.42 17.44
N SER B 10 -31.18 -3.05 17.13
CA SER B 10 -31.58 -4.28 17.78
C SER B 10 -30.91 -5.48 17.11
N ILE B 11 -30.33 -6.36 17.93
CA ILE B 11 -29.70 -7.59 17.45
C ILE B 11 -30.72 -8.46 16.73
N GLN B 12 -31.87 -8.66 17.33
CA GLN B 12 -32.88 -9.49 16.69
C GLN B 12 -33.29 -8.94 15.32
N GLU B 13 -33.39 -7.61 15.20
CA GLU B 13 -33.80 -7.00 13.92
C GLU B 13 -32.71 -7.17 12.86
N LEU B 14 -31.46 -6.97 13.27
CA LEU B 14 -30.31 -7.24 12.40
C LEU B 14 -30.40 -8.68 11.89
N ARG B 15 -30.63 -9.65 12.79
CA ARG B 15 -30.77 -11.06 12.37
C ARG B 15 -31.88 -11.23 11.33
N ASP B 16 -33.01 -10.57 11.52
CA ASP B 16 -34.12 -10.71 10.57
C ASP B 16 -33.81 -10.05 9.24
N GLN B 17 -33.13 -8.90 9.28
CA GLN B 17 -32.67 -8.25 8.05
C GLN B 17 -31.67 -9.09 7.25
N LEU B 18 -30.76 -9.79 7.95
CA LEU B 18 -29.65 -10.51 7.27
C LEU B 18 -29.94 -12.00 7.05
N ARG B 19 -31.16 -12.43 7.41
CA ARG B 19 -31.56 -13.83 7.30
C ARG B 19 -31.38 -14.39 5.88
N GLY B 20 -30.67 -15.51 5.77
CA GLY B 20 -30.45 -16.18 4.49
C GLY B 20 -29.34 -15.57 3.63
N GLN B 21 -28.64 -14.56 4.15
CA GLN B 21 -27.54 -13.94 3.39
C GLN B 21 -26.27 -14.73 3.67
N ASN B 22 -25.71 -15.37 2.66
CA ASN B 22 -24.52 -16.22 2.83
C ASN B 22 -23.22 -15.61 2.31
N ARG B 23 -23.29 -14.40 1.75
CA ARG B 23 -22.11 -13.74 1.16
C ARG B 23 -21.79 -12.35 1.81
N THR B 24 -22.40 -12.03 2.95
CA THR B 24 -22.20 -10.71 3.59
C THR B 24 -20.72 -10.40 3.91
N ALA B 25 -20.30 -9.17 3.61
CA ALA B 25 -18.99 -8.66 3.99
C ALA B 25 -19.18 -7.62 5.08
N PHE B 26 -18.50 -7.81 6.21
CA PHE B 26 -18.74 -7.04 7.42
C PHE B 26 -17.55 -6.10 7.70
N VAL B 27 -17.82 -4.84 8.02
CA VAL B 27 -16.77 -3.90 8.42
C VAL B 27 -17.06 -3.25 9.76
N PRO B 28 -16.46 -3.75 10.84
CA PRO B 28 -16.67 -3.15 12.15
C PRO B 28 -15.81 -1.92 12.39
N THR B 29 -16.43 -0.88 12.97
CA THR B 29 -15.79 0.39 13.27
C THR B 29 -16.30 0.93 14.59
N MET B 30 -15.60 1.92 15.15
CA MET B 30 -16.05 2.62 16.35
C MET B 30 -16.63 4.01 15.98
N GLY B 31 -17.03 4.17 14.72
CA GLY B 31 -17.66 5.41 14.25
C GLY B 31 -16.74 6.62 14.09
N ASN B 32 -17.32 7.81 14.06
CA ASN B 32 -16.61 9.03 13.66
C ASN B 32 -15.82 8.79 12.38
N LEU B 33 -16.55 8.48 11.32
CA LEU B 33 -15.97 7.89 10.11
C LEU B 33 -15.11 8.88 9.30
N HIS B 34 -13.95 8.42 8.84
CA HIS B 34 -13.03 9.20 8.01
C HIS B 34 -12.70 8.38 6.79
N GLU B 35 -11.90 8.93 5.88
CA GLU B 35 -11.67 8.29 4.58
C GLU B 35 -11.05 6.88 4.66
N GLY B 36 -10.32 6.63 5.73
CA GLY B 36 -9.88 5.29 6.07
C GLY B 36 -11.00 4.27 6.13
N HIS B 37 -12.04 4.56 6.91
CA HIS B 37 -13.21 3.70 7.04
C HIS B 37 -13.92 3.55 5.71
N LEU B 38 -14.03 4.65 4.97
CA LEU B 38 -14.75 4.63 3.68
C LEU B 38 -14.05 3.71 2.67
N SER B 39 -12.72 3.73 2.69
CA SER B 39 -11.86 2.85 1.87
C SER B 39 -12.20 1.39 2.14
N LEU B 40 -12.26 1.04 3.41
CA LEU B 40 -12.65 -0.31 3.85
C LEU B 40 -14.05 -0.70 3.35
N MET B 41 -14.99 0.24 3.37
CA MET B 41 -16.35 -0.05 2.87
C MET B 41 -16.30 -0.41 1.40
N ARG B 42 -15.52 0.36 0.62
CA ARG B 42 -15.38 0.11 -0.82
C ARG B 42 -14.74 -1.25 -1.10
N LEU B 43 -13.68 -1.57 -0.36
CA LEU B 43 -13.01 -2.86 -0.48
C LEU B 43 -14.00 -4.02 -0.16
N ALA B 44 -14.81 -3.83 0.88
CA ALA B 44 -15.80 -4.85 1.31
C ALA B 44 -16.73 -5.26 0.18
N ARG B 45 -17.13 -4.27 -0.62
CA ARG B 45 -18.05 -4.49 -1.72
C ARG B 45 -17.43 -5.36 -2.80
N GLN B 46 -16.11 -5.30 -2.94
CA GLN B 46 -15.41 -6.19 -3.86
C GLN B 46 -15.36 -7.64 -3.37
N HIS B 47 -15.62 -7.89 -2.08
CA HIS B 47 -15.40 -9.21 -1.49
C HIS B 47 -16.66 -9.86 -0.99
N GLY B 48 -17.77 -9.12 -0.98
CA GLY B 48 -19.03 -9.72 -0.59
C GLY B 48 -20.21 -8.83 -0.88
N ASP B 49 -21.39 -9.32 -0.50
CA ASP B 49 -22.63 -8.57 -0.72
C ASP B 49 -23.71 -9.25 0.09
N PRO B 50 -24.45 -8.48 0.92
CA PRO B 50 -24.35 -7.04 1.17
C PRO B 50 -23.16 -6.64 2.05
N VAL B 51 -22.81 -5.36 1.99
CA VAL B 51 -21.86 -4.77 2.90
C VAL B 51 -22.64 -4.31 4.11
N VAL B 52 -22.20 -4.77 5.29
CA VAL B 52 -22.76 -4.38 6.57
C VAL B 52 -21.69 -3.66 7.40
N ALA B 53 -21.95 -2.41 7.82
CA ALA B 53 -21.00 -1.72 8.67
C ALA B 53 -21.51 -1.80 10.08
N SER B 54 -20.63 -1.75 11.06
CA SER B 54 -21.06 -1.48 12.42
C SER B 54 -20.33 -0.30 13.01
N ILE B 55 -21.03 0.41 13.88
CA ILE B 55 -20.50 1.54 14.66
C ILE B 55 -20.83 1.28 16.12
N PHE B 56 -19.79 1.05 16.92
CA PHE B 56 -19.90 0.77 18.33
C PHE B 56 -18.60 1.08 19.07
N VAL B 57 -18.68 2.00 20.02
CA VAL B 57 -17.56 2.30 20.90
C VAL B 57 -17.61 1.26 22.03
N ASN B 58 -16.56 0.43 22.10
CA ASN B 58 -16.53 -0.76 22.94
C ASN B 58 -15.80 -0.51 24.24
N ARG B 59 -16.55 -0.42 25.35
CA ARG B 59 -15.98 -0.06 26.65
C ARG B 59 -14.88 -1.03 27.05
N LEU B 60 -15.04 -2.27 26.64
CA LEU B 60 -14.10 -3.31 27.04
C LEU B 60 -12.68 -3.07 26.53
N GLN B 61 -12.48 -2.28 25.49
CA GLN B 61 -11.11 -2.07 25.01
C GLN B 61 -10.52 -0.70 25.37
N PHE B 62 -11.07 -0.08 26.41
CA PHE B 62 -10.53 1.15 26.95
C PHE B 62 -10.19 0.90 28.39
N GLY B 63 -8.98 1.29 28.79
CA GLY B 63 -8.58 1.25 30.19
C GLY B 63 -9.19 2.44 30.92
N PRO B 64 -9.15 2.42 32.28
CA PRO B 64 -9.74 3.52 33.06
C PRO B 64 -9.03 4.88 32.86
N ASN B 65 -7.75 4.86 32.49
CA ASN B 65 -6.99 6.10 32.23
C ASN B 65 -6.96 6.53 30.76
N GLU B 66 -7.83 5.94 29.94
CA GLU B 66 -7.84 6.22 28.50
C GLU B 66 -9.02 7.13 28.16
N ASP B 67 -9.55 7.05 26.94
CA ASP B 67 -10.40 8.13 26.41
C ASP B 67 -11.82 7.68 26.02
N PHE B 68 -12.38 6.70 26.74
CA PHE B 68 -13.72 6.23 26.42
C PHE B 68 -14.79 7.32 26.40
N ASP B 69 -14.78 8.19 27.42
CA ASP B 69 -15.81 9.24 27.54
C ASP B 69 -15.68 10.33 26.45
N LYS B 70 -14.46 10.72 26.12
CA LYS B 70 -14.26 11.75 25.08
C LYS B 70 -14.22 11.23 23.64
N TYR B 71 -14.18 9.91 23.47
CA TYR B 71 -14.04 9.36 22.13
C TYR B 71 -15.11 9.97 21.22
N PRO B 72 -14.70 10.45 20.03
CA PRO B 72 -15.66 11.22 19.24
C PRO B 72 -16.83 10.39 18.78
N ARG B 73 -18.01 10.95 18.95
CA ARG B 73 -19.24 10.30 18.53
C ARG B 73 -20.01 11.31 17.68
N THR B 74 -20.28 10.91 16.44
CA THR B 74 -20.92 11.75 15.44
C THR B 74 -21.75 10.84 14.54
N LEU B 75 -22.79 10.26 15.12
CA LEU B 75 -23.57 9.22 14.45
C LEU B 75 -24.30 9.71 13.20
N GLN B 76 -24.93 10.87 13.28
CA GLN B 76 -25.70 11.38 12.14
C GLN B 76 -24.80 11.66 10.93
N GLU B 77 -23.66 12.30 11.17
CA GLU B 77 -22.64 12.49 10.13
C GLU B 77 -22.22 11.14 9.54
N ASP B 78 -21.95 10.18 10.43
CA ASP B 78 -21.52 8.85 10.03
C ASP B 78 -22.57 8.23 9.11
N ILE B 79 -23.84 8.35 9.49
CA ILE B 79 -24.91 7.82 8.65
C ILE B 79 -24.89 8.47 7.25
N GLU B 80 -24.69 9.79 7.18
CA GLU B 80 -24.69 10.51 5.89
C GLU B 80 -23.53 10.03 5.03
N LYS B 81 -22.35 9.84 5.64
CA LYS B 81 -21.18 9.37 4.90
C LYS B 81 -21.38 7.95 4.33
N LEU B 82 -21.87 7.01 5.15
CA LEU B 82 -22.11 5.64 4.71
C LEU B 82 -23.13 5.55 3.56
N GLN B 83 -24.17 6.37 3.59
CA GLN B 83 -25.17 6.39 2.51
C GLN B 83 -24.58 6.65 1.11
N LYS B 84 -23.42 7.30 1.04
CA LYS B 84 -22.72 7.55 -0.23
C LYS B 84 -21.82 6.39 -0.67
N GLU B 85 -21.60 5.40 0.20
CA GLU B 85 -20.74 4.27 -0.12
C GLU B 85 -21.49 2.97 -0.36
N ASN B 86 -22.73 2.98 -0.83
CA ASN B 86 -23.37 1.69 -1.22
C ASN B 86 -23.55 0.71 -0.07
N VAL B 87 -23.70 1.19 1.15
CA VAL B 87 -23.74 0.30 2.31
C VAL B 87 -25.21 -0.01 2.68
N TYR B 88 -25.52 -1.30 2.80
CA TYR B 88 -26.91 -1.81 2.90
C TYR B 88 -27.47 -1.78 4.33
N VAL B 89 -26.61 -2.01 5.32
CA VAL B 89 -27.01 -1.98 6.70
C VAL B 89 -25.93 -1.38 7.59
N LEU B 90 -26.32 -0.40 8.38
CA LEU B 90 -25.50 0.04 9.50
C LEU B 90 -26.04 -0.61 10.78
N PHE B 91 -25.18 -1.33 11.50
CA PHE B 91 -25.53 -1.89 12.81
C PHE B 91 -24.94 -0.93 13.83
N ALA B 92 -25.80 -0.23 14.56
CA ALA B 92 -25.37 0.81 15.50
C ALA B 92 -26.04 0.57 16.85
N PRO B 93 -25.64 -0.48 17.55
CA PRO B 93 -26.31 -0.83 18.80
C PRO B 93 -25.97 0.12 19.94
N THR B 94 -26.92 0.30 20.85
CA THR B 94 -26.63 1.03 22.08
C THR B 94 -25.84 0.10 22.99
N GLU B 95 -25.37 0.62 24.12
CA GLU B 95 -24.65 -0.22 25.08
C GLU B 95 -25.55 -1.25 25.76
N ARG B 96 -26.83 -0.91 25.92
CA ARG B 96 -27.83 -1.86 26.45
C ARG B 96 -28.16 -2.95 25.41
N ASP B 97 -28.01 -2.63 24.12
CA ASP B 97 -28.15 -3.63 23.07
C ASP B 97 -27.03 -4.67 23.06
N MET B 98 -25.77 -4.23 23.08
CA MET B 98 -24.62 -5.13 23.11
C MET B 98 -24.33 -5.74 24.47
N TYR B 99 -24.46 -4.93 25.53
CA TYR B 99 -24.12 -5.32 26.91
C TYR B 99 -25.30 -5.04 27.89
N PRO B 100 -26.40 -5.79 27.75
CA PRO B 100 -27.54 -5.55 28.65
C PRO B 100 -27.24 -5.92 30.11
N GLU B 101 -26.22 -6.76 30.31
CA GLU B 101 -25.58 -6.99 31.62
C GLU B 101 -24.07 -6.89 31.45
N PRO B 102 -23.32 -6.80 32.53
CA PRO B 102 -21.88 -6.72 32.35
C PRO B 102 -21.33 -7.92 31.56
N GLN B 103 -20.37 -7.65 30.68
CA GLN B 103 -19.77 -8.69 29.89
C GLN B 103 -18.82 -9.46 30.77
N GLU B 104 -19.11 -10.74 31.02
CA GLU B 104 -18.27 -11.57 31.90
CA GLU B 104 -18.25 -11.55 31.88
C GLU B 104 -17.74 -12.82 31.19
N TYR B 105 -18.19 -13.07 29.97
CA TYR B 105 -17.57 -14.08 29.14
C TYR B 105 -16.63 -13.32 28.22
N ARG B 106 -15.36 -13.70 28.24
CA ARG B 106 -14.35 -12.96 27.51
C ARG B 106 -13.53 -13.94 26.64
N VAL B 107 -13.23 -13.51 25.41
CA VAL B 107 -12.34 -14.26 24.51
C VAL B 107 -10.93 -13.75 24.76
N GLN B 108 -10.03 -14.64 25.18
CA GLN B 108 -8.65 -14.30 25.54
C GLN B 108 -7.63 -14.77 24.47
N PRO B 109 -6.79 -13.84 23.97
CA PRO B 109 -5.82 -14.23 22.95
C PRO B 109 -4.58 -14.79 23.63
N PRO B 110 -3.66 -15.42 22.86
CA PRO B 110 -2.42 -15.96 23.45
C PRO B 110 -1.57 -14.87 24.08
N HIS B 111 -0.85 -15.21 25.13
CA HIS B 111 0.10 -14.34 25.82
CA HIS B 111 0.02 -14.24 25.77
C HIS B 111 1.10 -13.75 24.86
N ASP B 112 1.72 -14.62 24.09
CA ASP B 112 2.82 -14.21 23.22
C ASP B 112 2.43 -13.26 22.06
N LEU B 113 1.13 -12.96 21.87
CA LEU B 113 0.71 -12.16 20.72
C LEU B 113 0.14 -10.74 20.88
N GLY B 114 -0.79 -10.37 21.76
CA GLY B 114 -1.14 -10.95 23.01
C GLY B 114 -0.81 -9.84 24.01
N ASP B 115 0.27 -10.06 24.74
CA ASP B 115 0.76 -9.15 25.75
C ASP B 115 2.00 -8.37 25.29
N ILE B 116 2.34 -8.47 23.99
CA ILE B 116 3.44 -7.68 23.44
C ILE B 116 2.93 -6.42 22.77
N LEU B 117 3.83 -5.46 22.57
CA LEU B 117 3.52 -4.24 21.80
C LEU B 117 2.30 -3.48 22.36
N GLU B 118 1.22 -3.37 21.60
CA GLU B 118 0.01 -2.70 22.09
C GLU B 118 -0.52 -3.33 23.39
N GLY B 119 -0.39 -4.63 23.53
CA GLY B 119 -0.82 -5.32 24.74
C GLY B 119 0.13 -5.18 25.92
N GLU B 120 1.36 -4.73 25.69
CA GLU B 120 2.27 -4.45 26.80
C GLU B 120 1.89 -3.08 27.37
N PHE B 121 1.59 -2.13 26.50
CA PHE B 121 1.37 -0.74 26.91
C PHE B 121 -0.11 -0.41 27.16
N ARG B 122 -1.00 -1.29 26.68
CA ARG B 122 -2.43 -1.23 27.02
C ARG B 122 -2.92 -2.61 27.57
N PRO B 123 -2.61 -2.92 28.85
CA PRO B 123 -2.92 -4.25 29.39
C PRO B 123 -4.37 -4.64 29.17
N GLY B 124 -4.56 -5.86 28.67
CA GLY B 124 -5.90 -6.42 28.44
C GLY B 124 -6.63 -5.90 27.21
N PHE B 125 -5.99 -5.01 26.44
CA PHE B 125 -6.62 -4.44 25.24
C PHE B 125 -7.21 -5.51 24.32
N PHE B 126 -6.42 -6.53 24.01
CA PHE B 126 -6.83 -7.49 22.98
C PHE B 126 -7.87 -8.49 23.45
N THR B 127 -8.02 -8.62 24.76
CA THR B 127 -9.20 -9.30 25.31
C THR B 127 -10.48 -8.51 25.06
N GLY B 128 -10.44 -7.20 25.27
CA GLY B 128 -11.63 -6.38 24.94
C GLY B 128 -11.98 -6.45 23.46
N VAL B 129 -10.95 -6.38 22.62
CA VAL B 129 -11.14 -6.47 21.16
C VAL B 129 -11.65 -7.83 20.71
N CYS B 130 -10.99 -8.90 21.14
CA CYS B 130 -11.40 -10.25 20.74
C CYS B 130 -12.82 -10.54 21.21
N THR B 131 -13.21 -10.01 22.38
CA THR B 131 -14.55 -10.26 22.92
C THR B 131 -15.63 -9.60 22.08
N VAL B 132 -15.47 -8.32 21.77
CA VAL B 132 -16.49 -7.58 21.05
C VAL B 132 -16.57 -8.08 19.60
N VAL B 133 -15.41 -8.45 19.05
CA VAL B 133 -15.36 -8.86 17.66
C VAL B 133 -16.08 -10.19 17.48
N THR B 134 -15.87 -11.10 18.43
CA THR B 134 -16.53 -12.39 18.39
C THR B 134 -18.03 -12.16 18.44
N LYS B 135 -18.45 -11.28 19.35
CA LYS B 135 -19.85 -10.98 19.55
C LYS B 135 -20.47 -10.34 18.28
N LEU B 136 -19.75 -9.41 17.65
CA LEU B 136 -20.21 -8.78 16.42
C LEU B 136 -20.36 -9.78 15.28
N MET B 137 -19.43 -10.72 15.19
CA MET B 137 -19.45 -11.75 14.16
C MET B 137 -20.60 -12.73 14.36
N ALA B 138 -20.85 -13.08 15.61
CA ALA B 138 -22.00 -13.89 15.96
C ALA B 138 -23.34 -13.17 15.62
N CYS B 139 -23.41 -11.84 15.78
CA CYS B 139 -24.62 -11.08 15.42
C CYS B 139 -24.84 -10.99 13.91
N VAL B 140 -23.79 -10.63 13.18
CA VAL B 140 -23.87 -10.33 11.75
C VAL B 140 -23.77 -11.62 10.89
N GLN B 141 -23.00 -12.59 11.38
CA GLN B 141 -22.69 -13.84 10.66
C GLN B 141 -22.24 -13.64 9.22
N PRO B 142 -21.18 -12.87 9.03
CA PRO B 142 -20.69 -12.57 7.69
C PRO B 142 -19.93 -13.75 7.09
N ARG B 143 -19.69 -13.70 5.78
CA ARG B 143 -18.79 -14.62 5.12
C ARG B 143 -17.35 -14.04 5.14
N VAL B 144 -17.28 -12.71 5.13
CA VAL B 144 -16.05 -11.99 5.03
C VAL B 144 -16.10 -10.82 6.03
N ALA B 145 -14.96 -10.47 6.60
CA ALA B 145 -14.86 -9.27 7.39
C ALA B 145 -13.57 -8.54 7.01
N VAL B 146 -13.66 -7.21 6.89
CA VAL B 146 -12.54 -6.37 6.45
C VAL B 146 -11.93 -5.58 7.62
N PHE B 147 -10.63 -5.75 7.81
CA PHE B 147 -9.89 -5.09 8.90
C PHE B 147 -8.67 -4.37 8.30
N GLY B 148 -8.33 -3.23 8.88
CA GLY B 148 -7.26 -2.39 8.33
C GLY B 148 -5.88 -2.76 8.85
N LYS B 149 -4.87 -2.67 7.98
CA LYS B 149 -3.49 -2.80 8.39
C LYS B 149 -2.99 -1.71 9.38
N LYS B 150 -3.72 -0.60 9.45
CA LYS B 150 -3.37 0.47 10.41
C LYS B 150 -3.24 -0.12 11.81
N ASP B 151 -4.14 -1.01 12.16
CA ASP B 151 -4.08 -1.74 13.43
C ASP B 151 -3.55 -3.14 13.12
N TYR B 152 -2.26 -3.20 12.84
CA TYR B 152 -1.62 -4.36 12.26
C TYR B 152 -1.70 -5.56 13.18
N GLN B 153 -1.39 -5.32 14.46
CA GLN B 153 -1.43 -6.38 15.46
C GLN B 153 -2.85 -6.89 15.67
N GLN B 154 -3.81 -5.98 15.73
CA GLN B 154 -5.24 -6.35 15.74
C GLN B 154 -5.62 -7.23 14.57
N LEU B 155 -5.15 -6.85 13.39
CA LEU B 155 -5.46 -7.59 12.17
C LEU B 155 -4.99 -9.05 12.31
N MET B 156 -3.74 -9.28 12.72
CA MET B 156 -3.20 -10.64 12.94
C MET B 156 -3.94 -11.37 14.08
N ILE B 157 -4.25 -10.65 15.16
CA ILE B 157 -4.95 -11.25 16.29
C ILE B 157 -6.36 -11.74 15.87
N VAL B 158 -7.10 -10.93 15.14
CA VAL B 158 -8.46 -11.30 14.72
C VAL B 158 -8.42 -12.43 13.69
N ARG B 159 -7.46 -12.39 12.77
CA ARG B 159 -7.34 -13.50 11.83
C ARG B 159 -7.10 -14.84 12.54
N ARG B 160 -6.15 -14.87 13.48
CA ARG B 160 -5.86 -16.13 14.17
C ARG B 160 -7.01 -16.53 15.07
N MET B 161 -7.69 -15.55 15.64
CA MET B 161 -8.84 -15.81 16.48
C MET B 161 -9.88 -16.56 15.68
N CYS B 162 -10.18 -16.12 14.47
CA CYS B 162 -11.26 -16.72 13.68
C CYS B 162 -10.90 -18.15 13.33
N GLN B 163 -9.64 -18.38 13.02
CA GLN B 163 -9.16 -19.70 12.63
C GLN B 163 -9.14 -20.62 13.86
N GLN B 164 -8.79 -20.07 15.02
CA GLN B 164 -8.68 -20.88 16.24
C GLN B 164 -10.01 -21.16 16.93
N LEU B 165 -11.01 -20.32 16.70
CA LEU B 165 -12.39 -20.58 17.21
C LEU B 165 -13.31 -21.21 16.15
N ALA B 166 -12.72 -21.50 14.98
CA ALA B 166 -13.43 -22.09 13.84
C ALA B 166 -14.59 -21.21 13.40
N LEU B 167 -14.41 -19.90 13.51
CA LEU B 167 -15.40 -18.98 13.02
C LEU B 167 -15.29 -18.98 11.49
N PRO B 168 -16.41 -19.22 10.77
CA PRO B 168 -16.42 -19.28 9.31
C PRO B 168 -16.47 -17.88 8.67
N VAL B 169 -15.43 -17.08 8.95
CA VAL B 169 -15.31 -15.75 8.46
C VAL B 169 -13.91 -15.62 7.92
N GLU B 170 -13.82 -15.21 6.66
CA GLU B 170 -12.55 -14.88 6.00
C GLU B 170 -12.16 -13.42 6.29
N ILE B 171 -10.95 -13.21 6.81
CA ILE B 171 -10.47 -11.87 7.09
C ILE B 171 -9.77 -11.31 5.85
N VAL B 172 -10.18 -10.10 5.44
CA VAL B 172 -9.59 -9.37 4.34
C VAL B 172 -8.93 -8.11 4.88
N ALA B 173 -7.66 -7.96 4.57
CA ALA B 173 -6.82 -6.89 5.07
C ALA B 173 -6.89 -5.68 4.12
N ALA B 174 -7.08 -4.47 4.68
CA ALA B 174 -7.04 -3.21 3.89
C ALA B 174 -5.76 -2.39 4.13
N GLU B 175 -5.19 -1.78 3.10
CA GLU B 175 -4.04 -0.86 3.24
C GLU B 175 -4.45 0.37 4.02
N THR B 176 -3.51 0.91 4.78
CA THR B 176 -3.71 2.09 5.58
C THR B 176 -3.90 3.32 4.70
N VAL B 177 -4.88 4.13 5.05
CA VAL B 177 -5.10 5.38 4.37
C VAL B 177 -4.50 6.53 5.18
N ARG B 178 -3.64 7.28 4.53
CA ARG B 178 -2.97 8.42 5.13
C ARG B 178 -3.44 9.71 4.50
N ASP B 179 -3.26 10.77 5.27
CA ASP B 179 -3.54 12.13 4.86
C ASP B 179 -2.57 12.56 3.77
N ALA B 180 -2.86 13.67 3.10
CA ALA B 180 -1.89 14.25 2.17
C ALA B 180 -0.47 14.28 2.78
N ASP B 181 -0.36 14.57 4.08
CA ASP B 181 0.97 14.77 4.68
C ASP B 181 1.61 13.50 5.27
N GLY B 182 0.99 12.34 5.03
CA GLY B 182 1.53 11.06 5.45
C GLY B 182 0.97 10.50 6.77
N LEU B 183 0.28 11.33 7.55
CA LEU B 183 -0.30 10.91 8.85
C LEU B 183 -1.45 9.93 8.66
N ALA B 184 -1.37 8.78 9.33
CA ALA B 184 -2.45 7.77 9.21
C ALA B 184 -3.72 8.37 9.78
N LEU B 185 -4.81 8.26 9.04
CA LEU B 185 -6.08 8.78 9.53
C LEU B 185 -6.58 7.99 10.73
N SER B 186 -7.12 8.73 11.70
CA SER B 186 -7.66 8.16 12.92
C SER B 186 -8.59 9.20 13.52
N SER B 187 -9.71 8.72 14.04
CA SER B 187 -10.67 9.59 14.73
C SER B 187 -10.01 10.38 15.88
N ARG B 188 -8.93 9.86 16.42
CA ARG B 188 -8.18 10.51 17.49
C ARG B 188 -7.25 11.66 17.05
N ASN B 189 -7.03 11.80 15.75
CA ASN B 189 -6.28 12.94 15.19
C ASN B 189 -6.89 14.28 15.65
N ARG B 190 -8.22 14.25 15.77
CA ARG B 190 -9.01 15.35 16.37
CA ARG B 190 -9.03 15.34 16.37
C ARG B 190 -8.46 15.93 17.69
N TYR B 191 -7.88 15.07 18.52
CA TYR B 191 -7.38 15.50 19.83
C TYR B 191 -6.20 16.47 19.73
N LEU B 192 -5.46 16.38 18.63
CA LEU B 192 -4.18 17.07 18.51
C LEU B 192 -4.41 18.57 18.39
N SER B 193 -3.58 19.34 19.06
CA SER B 193 -3.57 20.77 18.81
C SER B 193 -3.02 20.99 17.40
N GLU B 194 -3.04 22.22 16.94
CA GLU B 194 -2.53 22.57 15.61
C GLU B 194 -1.01 22.32 15.54
N ALA B 195 -0.30 22.76 16.56
CA ALA B 195 1.14 22.52 16.64
C ALA B 195 1.42 21.02 16.59
N GLU B 196 0.62 20.24 17.32
CA GLU B 196 0.78 18.79 17.36
C GLU B 196 0.43 18.14 16.01
N ARG B 197 -0.65 18.59 15.40
CA ARG B 197 -1.03 18.14 14.07
C ARG B 197 0.11 18.38 13.06
N ALA B 198 0.79 19.53 13.18
CA ALA B 198 1.94 19.84 12.30
C ALA B 198 3.15 18.94 12.57
N GLU B 199 3.30 18.47 13.82
CA GLU B 199 4.41 17.56 14.13
C GLU B 199 4.09 16.08 13.80
N ALA B 200 2.81 15.72 13.82
CA ALA B 200 2.37 14.31 13.78
C ALA B 200 2.84 13.48 12.54
N PRO B 201 3.01 14.10 11.36
CA PRO B 201 3.60 13.36 10.23
C PRO B 201 4.99 12.79 10.47
N GLU B 202 5.69 13.28 11.48
CA GLU B 202 7.03 12.77 11.77
C GLU B 202 7.07 11.30 12.11
N LEU B 203 5.97 10.76 12.62
CA LEU B 203 5.91 9.35 12.97
C LEU B 203 6.05 8.51 11.72
N ALA B 204 5.19 8.75 10.74
CA ALA B 204 5.28 8.05 9.44
C ALA B 204 6.60 8.34 8.79
N LYS B 205 7.12 9.54 8.91
CA LYS B 205 8.42 9.83 8.27
C LYS B 205 9.55 9.01 8.90
N THR B 206 9.49 8.83 10.21
CA THR B 206 10.48 8.03 10.95
C THR B 206 10.36 6.59 10.51
N LEU B 207 9.15 6.11 10.25
CA LEU B 207 9.00 4.74 9.80
C LEU B 207 9.62 4.53 8.40
N ALA B 208 9.45 5.51 7.51
CA ALA B 208 10.02 5.45 6.15
C ALA B 208 11.53 5.37 6.22
N ARG B 209 12.15 6.09 7.16
CA ARG B 209 13.59 6.05 7.31
C ARG B 209 14.08 4.72 7.92
N VAL B 210 13.29 4.12 8.81
CA VAL B 210 13.60 2.80 9.33
C VAL B 210 13.56 1.81 8.20
N ARG B 211 12.47 1.86 7.44
CA ARG B 211 12.33 1.06 6.23
C ARG B 211 13.57 1.21 5.36
N ASP B 212 13.98 2.45 5.11
CA ASP B 212 15.11 2.67 4.21
C ASP B 212 16.39 2.07 4.77
N ALA B 213 16.60 2.18 6.07
CA ALA B 213 17.80 1.60 6.66
C ALA B 213 17.84 0.07 6.46
N VAL B 214 16.69 -0.59 6.62
CA VAL B 214 16.63 -2.05 6.47
C VAL B 214 16.88 -2.44 5.01
N LEU B 215 16.22 -1.76 4.09
CA LEU B 215 16.38 -2.04 2.65
C LEU B 215 17.78 -1.76 2.20
N ASP B 216 18.41 -0.72 2.78
CA ASP B 216 19.79 -0.37 2.41
C ASP B 216 20.84 -1.27 3.08
N GLY B 217 20.42 -2.20 3.92
CA GLY B 217 21.30 -3.30 4.36
C GLY B 217 21.80 -3.30 5.79
N GLU B 218 21.34 -2.38 6.63
CA GLU B 218 21.76 -2.35 8.02
C GLU B 218 21.18 -3.57 8.73
N ARG B 219 22.04 -4.39 9.32
CA ARG B 219 21.62 -5.68 9.89
C ARG B 219 21.32 -5.62 11.38
N ASP B 220 21.76 -4.55 12.05
CA ASP B 220 21.60 -4.38 13.49
C ASP B 220 20.28 -3.66 13.76
N LEU B 221 19.20 -4.43 13.80
CA LEU B 221 17.85 -3.88 13.83
C LEU B 221 17.55 -3.15 15.13
N ALA B 222 18.04 -3.69 16.25
CA ALA B 222 17.90 -3.03 17.54
C ALA B 222 18.52 -1.61 17.55
N ALA B 223 19.67 -1.44 16.88
CA ALA B 223 20.29 -0.13 16.77
C ALA B 223 19.41 0.84 15.97
N ILE B 224 18.79 0.36 14.90
CA ILE B 224 17.88 1.22 14.10
C ILE B 224 16.73 1.65 15.01
N GLU B 225 16.15 0.68 15.71
CA GLU B 225 15.02 0.94 16.60
C GLU B 225 15.38 2.03 17.63
N ARG B 226 16.55 1.91 18.25
CA ARG B 226 16.98 2.87 19.28
C ARG B 226 17.14 4.29 18.72
N ARG B 227 17.67 4.41 17.49
CA ARG B 227 17.83 5.75 16.89
C ARG B 227 16.49 6.40 16.64
N ALA B 228 15.56 5.60 16.14
CA ALA B 228 14.24 6.10 15.81
C ALA B 228 13.52 6.59 17.07
N VAL B 229 13.60 5.80 18.14
CA VAL B 229 13.08 6.19 19.43
C VAL B 229 13.73 7.47 19.92
N ALA B 230 15.06 7.49 19.95
CA ALA B 230 15.77 8.68 20.41
C ALA B 230 15.38 9.89 19.55
N HIS B 231 15.18 9.67 18.25
CA HIS B 231 14.81 10.77 17.33
C HIS B 231 13.49 11.40 17.71
N LEU B 232 12.49 10.57 17.93
CA LEU B 232 11.17 11.07 18.31
C LEU B 232 11.18 11.77 19.67
N SER B 233 12.00 11.28 20.60
CA SER B 233 12.10 11.90 21.92
C SER B 233 12.73 13.28 21.86
N ALA B 234 13.80 13.42 21.09
CA ALA B 234 14.47 14.72 20.89
C ALA B 234 13.51 15.77 20.33
N ARG B 235 12.46 15.32 19.62
CA ARG B 235 11.45 16.20 19.06
C ARG B 235 10.19 16.36 19.94
N GLY B 236 10.22 15.81 21.16
CA GLY B 236 9.15 16.03 22.12
C GLY B 236 8.03 15.01 22.12
N TRP B 237 8.24 13.88 21.44
CA TRP B 237 7.34 12.74 21.58
C TRP B 237 7.69 11.97 22.82
N GLN B 238 6.71 11.21 23.32
CA GLN B 238 6.94 10.14 24.29
C GLN B 238 6.65 8.78 23.59
N PRO B 239 7.68 8.19 22.99
CA PRO B 239 7.48 6.91 22.34
C PRO B 239 7.35 5.73 23.31
N ASP B 240 6.49 4.78 22.95
CA ASP B 240 6.40 3.49 23.65
C ASP B 240 7.37 2.52 23.00
N TYR B 241 7.32 2.43 21.67
CA TYR B 241 8.18 1.51 20.93
C TYR B 241 8.31 1.87 19.46
N VAL B 242 9.44 1.46 18.87
CA VAL B 242 9.61 1.28 17.46
C VAL B 242 10.21 -0.10 17.33
N SER B 243 9.57 -0.99 16.57
CA SER B 243 9.97 -2.39 16.59
CA SER B 243 9.95 -2.39 16.60
C SER B 243 9.85 -3.04 15.22
N ILE B 244 10.92 -3.69 14.81
CA ILE B 244 10.98 -4.33 13.50
C ILE B 244 10.71 -5.81 13.76
N ARG B 245 9.57 -6.28 13.22
CA ARG B 245 9.13 -7.66 13.43
C ARG B 245 8.86 -8.38 12.11
N ARG B 246 8.85 -9.71 12.18
CA ARG B 246 8.39 -10.56 11.09
C ARG B 246 6.87 -10.39 10.96
N ARG B 247 6.40 -10.31 9.72
CA ARG B 247 4.97 -10.22 9.43
C ARG B 247 4.22 -11.48 9.88
N GLU B 248 4.78 -12.67 9.63
CA GLU B 248 4.07 -13.93 9.91
C GLU B 248 3.59 -14.03 11.36
N ASN B 249 4.43 -13.69 12.34
CA ASN B 249 4.13 -13.90 13.77
C ASN B 249 4.41 -12.72 14.72
N LEU B 250 4.82 -11.57 14.19
CA LEU B 250 5.24 -10.41 14.98
C LEU B 250 6.41 -10.64 15.97
N VAL B 251 7.24 -11.65 15.70
CA VAL B 251 8.49 -11.86 16.47
C VAL B 251 9.67 -11.21 15.76
N ALA B 252 10.66 -10.76 16.53
CA ALA B 252 11.88 -10.22 15.98
C ALA B 252 12.61 -11.30 15.17
N PRO B 253 13.15 -10.93 14.00
CA PRO B 253 13.77 -11.99 13.20
C PRO B 253 15.16 -12.31 13.73
N SER B 254 15.59 -13.56 13.58
CA SER B 254 16.98 -13.94 13.82
C SER B 254 17.86 -13.32 12.73
N ALA B 255 19.18 -13.35 12.95
CA ALA B 255 20.12 -12.89 11.92
C ALA B 255 19.90 -13.72 10.67
N ALA B 256 19.74 -15.03 10.84
CA ALA B 256 19.47 -15.92 9.69
C ALA B 256 18.22 -15.47 8.87
N GLN B 257 17.18 -15.04 9.56
CA GLN B 257 15.91 -14.65 8.91
C GLN B 257 16.00 -13.30 8.22
N ILE B 258 16.80 -12.40 8.77
CA ILE B 258 17.14 -11.15 8.13
C ILE B 258 17.82 -11.52 6.81
N GLU B 259 18.88 -12.32 6.88
CA GLU B 259 19.60 -12.76 5.68
C GLU B 259 18.71 -13.39 4.62
N ALA B 260 17.80 -14.27 5.05
CA ALA B 260 16.84 -14.92 4.14
C ALA B 260 15.72 -13.99 3.58
N GLY B 261 15.58 -12.78 4.12
CA GLY B 261 14.52 -11.85 3.67
C GLY B 261 13.08 -12.23 4.07
N ASP B 262 12.90 -12.77 5.27
CA ASP B 262 11.54 -12.95 5.81
C ASP B 262 10.83 -11.58 5.73
N PRO B 263 9.62 -11.54 5.18
CA PRO B 263 8.96 -10.22 5.12
C PRO B 263 8.84 -9.63 6.52
N LEU B 264 9.18 -8.35 6.62
CA LEU B 264 9.19 -7.61 7.88
C LEU B 264 8.19 -6.48 7.86
N VAL B 265 7.86 -6.01 9.08
CA VAL B 265 7.10 -4.78 9.25
C VAL B 265 7.64 -4.01 10.45
N VAL B 266 7.72 -2.69 10.32
CA VAL B 266 8.13 -1.86 11.44
C VAL B 266 6.90 -1.20 12.06
N LEU B 267 6.79 -1.34 13.37
CA LEU B 267 5.60 -0.90 14.10
C LEU B 267 6.00 0.13 15.13
N THR B 268 5.15 1.16 15.31
CA THR B 268 5.39 2.15 16.36
C THR B 268 4.10 2.64 17.03
N ALA B 269 4.26 3.06 18.27
CA ALA B 269 3.21 3.71 19.07
C ALA B 269 3.93 4.82 19.84
N ALA B 270 3.40 6.05 19.82
CA ALA B 270 4.06 7.18 20.47
C ALA B 270 3.06 8.23 20.90
N LYS B 271 3.35 8.90 22.02
CA LYS B 271 2.49 9.98 22.50
C LYS B 271 2.98 11.34 22.03
N LEU B 272 2.02 12.18 21.64
CA LEU B 272 2.20 13.59 21.37
C LEU B 272 1.24 14.31 22.32
N GLY B 273 1.79 14.87 23.40
CA GLY B 273 0.97 15.34 24.52
C GLY B 273 0.26 14.16 25.15
N ALA B 274 -1.06 14.30 25.33
CA ALA B 274 -1.91 13.22 25.83
C ALA B 274 -2.37 12.23 24.75
N THR B 275 -2.18 12.57 23.47
CA THR B 275 -2.71 11.73 22.39
C THR B 275 -1.74 10.63 21.95
N ARG B 276 -2.20 9.38 22.02
CA ARG B 276 -1.39 8.23 21.64
C ARG B 276 -1.66 7.80 20.19
N LEU B 277 -0.68 8.01 19.31
CA LEU B 277 -0.81 7.61 17.91
C LEU B 277 0.01 6.33 17.64
N ILE B 278 -0.50 5.51 16.72
CA ILE B 278 0.22 4.33 16.25
C ILE B 278 0.26 4.33 14.73
N ASP B 279 1.24 3.61 14.18
CA ASP B 279 1.38 3.48 12.73
C ASP B 279 2.34 2.29 12.47
N ASN B 280 2.39 1.83 11.23
CA ASN B 280 3.33 0.79 10.85
C ASN B 280 3.65 0.89 9.38
N LEU B 281 4.71 0.23 8.95
CA LEU B 281 5.04 0.15 7.51
C LEU B 281 5.58 -1.24 7.19
N GLU B 282 5.02 -1.90 6.18
CA GLU B 282 5.57 -3.16 5.68
C GLU B 282 6.86 -2.88 4.88
N ILE B 283 7.88 -3.66 5.19
CA ILE B 283 9.22 -3.52 4.63
C ILE B 283 9.49 -4.73 3.74
P AMP C . 12.92 1.59 -13.70
O1P AMP C . 12.37 2.96 -13.69
O2P AMP C . 12.86 0.90 -15.02
O3P AMP C . 14.25 1.41 -13.03
O5' AMP C . 11.92 0.72 -12.78
C5' AMP C . 12.07 -0.70 -12.74
C4' AMP C . 10.94 -1.32 -11.92
O4' AMP C . 10.89 -0.65 -10.65
C3' AMP C . 9.59 -1.12 -12.57
O3' AMP C . 8.77 -2.28 -12.34
C2' AMP C . 9.04 0.11 -11.86
O2' AMP C . 7.62 0.18 -11.88
C1' AMP C . 9.59 -0.13 -10.48
N9 AMP C . 9.70 1.08 -9.69
C8 AMP C . 10.34 2.22 -9.98
N7 AMP C . 10.20 3.10 -8.94
C5 AMP C . 9.46 2.51 -7.99
C6 AMP C . 8.95 2.87 -6.66
N6 AMP C . 9.24 4.11 -6.16
N1 AMP C . 8.22 1.96 -5.97
C2 AMP C . 7.98 0.73 -6.48
N3 AMP C . 8.40 0.33 -7.70
C4 AMP C . 9.15 1.17 -8.46
CL CL D . -5.87 -4.04 -7.58
C1 EDO E . 4.84 19.79 -22.27
O1 EDO E . 5.46 21.07 -22.44
C2 EDO E . 4.38 19.22 -23.63
O2 EDO E . 2.96 19.29 -23.93
CL CL F . -3.53 -3.15 -2.39
C1 MLT G . 10.14 5.07 -17.87
O1 MLT G . 10.90 4.40 -18.61
O2 MLT G . 10.07 6.32 -17.93
C2 MLT G . 9.28 4.41 -16.80
O3 MLT G . 10.11 4.37 -15.63
C3 MLT G . 8.86 2.93 -16.94
C4 MLT G . 10.04 2.14 -16.47
O4 MLT G . 11.15 2.63 -16.81
O5 MLT G . 9.94 1.06 -15.81
C1 EDO H . 12.59 -1.30 -18.48
O1 EDO H . 12.87 -1.26 -19.89
C2 EDO H . 11.12 -1.71 -18.35
O2 EDO H . 10.27 -0.63 -18.84
CL CL I . 24.41 1.53 -16.58
P AMP J . -11.76 2.04 14.37
O1P AMP J . -10.53 2.75 14.86
O2P AMP J . -12.16 0.96 15.36
O3P AMP J . -13.01 2.77 13.91
O5' AMP J . -11.29 1.23 13.04
C5' AMP J . -12.22 0.47 12.27
C4' AMP J . -11.49 -0.33 11.19
O4' AMP J . -10.92 0.56 10.23
C3' AMP J . -10.34 -1.16 11.73
O3' AMP J . -10.26 -2.33 10.92
C2' AMP J . -9.14 -0.27 11.56
O2' AMP J . -7.88 -0.95 11.48
C1' AMP J . -9.52 0.38 10.25
N9 AMP J . -8.83 1.66 10.09
C8 AMP J . -8.84 2.69 10.96
N7 AMP J . -8.10 3.72 10.47
C5 AMP J . -7.66 3.35 9.27
C6 AMP J . -6.84 3.95 8.20
N6 AMP J . -6.34 5.19 8.37
N1 AMP J . -6.59 3.22 7.08
C2 AMP J . -7.07 1.98 6.93
N3 AMP J . -7.82 1.36 7.87
C4 AMP J . -8.14 1.98 9.02
CL CL K . 1.58 -9.26 3.73
C1 MLT L . -9.73 -0.34 16.41
O1 MLT L . -10.03 -0.96 15.37
O2 MLT L . -10.59 0.21 17.15
C2 MLT L . -8.31 -0.20 16.83
O3 MLT L . -7.95 -1.35 17.60
C3 MLT L . -8.02 1.12 17.55
C4 MLT L . -8.33 1.24 19.04
O4 MLT L . -9.42 0.78 19.44
O5 MLT L . -7.50 1.86 19.79
#